data_1ZWW
#
_entry.id   1ZWW
#
_cell.length_a   40.705
_cell.length_b   121.651
_cell.length_c   244.026
_cell.angle_alpha   90.00
_cell.angle_beta   90.00
_cell.angle_gamma   90.00
#
_symmetry.space_group_name_H-M   'C 2 2 21'
#
loop_
_entity.id
_entity.type
_entity.pdbx_description
1 polymer 'SH3-containing GRB2-like protein 2'
2 non-polymer 'CADMIUM ION'
3 water water
#
_entity_poly.entity_id   1
_entity_poly.type   'polypeptide(L)'
_entity_poly.pdbx_seq_one_letter_code
;MSVAGLKKQFHKATQKVSEKVGGAEGTKLDDDFKEMERKVDVTSRAVMEIMTKTIEYLQPNPASRAKLSMINTMSKIRGQ
EKGPGYPQAEALLAEAMLKFGRELGDDCNFGPALGEVGEAMRELSEVKDSLDMEVKQNFIDPLQNLHDKDLREIQHHLKK
LEGRRLDFGYKKKRQGKIPDEELRQALEKFDESKEIAESSMFNLLEMDIEQVSQLSALVQAQLEYHKQAVQILQQVTVRL
EERIRQASSQPRREYQ
;
_entity_poly.pdbx_strand_id   A,B
#
loop_
_chem_comp.id
_chem_comp.type
_chem_comp.name
_chem_comp.formula
CD non-polymer 'CADMIUM ION' 'Cd 2'
#
# COMPACT_ATOMS: atom_id res chain seq x y z
N THR A 27 -7.00 -37.99 34.03
CA THR A 27 -6.07 -37.01 34.70
C THR A 27 -6.08 -35.65 34.00
N LYS A 28 -6.82 -34.71 34.59
CA LYS A 28 -7.16 -33.44 33.96
C LYS A 28 -6.42 -32.27 34.60
N LEU A 29 -5.65 -31.54 33.76
CA LEU A 29 -4.96 -30.30 34.13
C LEU A 29 -5.95 -29.25 34.65
N ASP A 30 -5.54 -28.43 35.62
CA ASP A 30 -6.46 -27.45 36.21
C ASP A 30 -7.00 -26.40 35.18
N ASP A 31 -7.99 -25.62 35.63
CA ASP A 31 -8.63 -24.62 34.81
C ASP A 31 -7.76 -23.38 34.60
N ASP A 32 -6.97 -23.01 35.60
CA ASP A 32 -6.00 -21.92 35.52
C ASP A 32 -4.87 -22.21 34.52
N PHE A 33 -4.48 -23.47 34.38
CA PHE A 33 -3.39 -23.88 33.49
C PHE A 33 -3.91 -23.88 32.07
N LYS A 34 -5.15 -24.34 31.92
CA LYS A 34 -5.85 -24.35 30.65
C LYS A 34 -6.21 -22.94 30.12
N GLU A 35 -6.39 -21.98 31.02
CA GLU A 35 -6.67 -20.59 30.68
C GLU A 35 -5.39 -19.89 30.15
N MET A 36 -4.29 -20.05 30.88
CA MET A 36 -2.97 -19.61 30.43
C MET A 36 -2.62 -20.20 29.05
N GLU A 37 -2.81 -21.52 28.91
CA GLU A 37 -2.55 -22.22 27.65
C GLU A 37 -3.40 -21.67 26.49
N ARG A 38 -4.62 -21.24 26.80
CA ARG A 38 -5.51 -20.67 25.81
C ARG A 38 -5.09 -19.24 25.42
N LYS A 39 -4.68 -18.44 26.39
CA LYS A 39 -4.15 -17.11 26.13
C LYS A 39 -2.85 -17.20 25.29
N VAL A 40 -1.99 -18.15 25.64
CA VAL A 40 -0.77 -18.43 24.91
C VAL A 40 -1.05 -18.86 23.47
N ASP A 41 -2.06 -19.70 23.26
CA ASP A 41 -2.44 -20.09 21.89
C ASP A 41 -3.00 -18.89 21.07
N VAL A 42 -3.81 -18.03 21.71
CA VAL A 42 -4.31 -16.82 21.06
C VAL A 42 -3.17 -15.85 20.69
N THR A 43 -2.27 -15.59 21.66
CA THR A 43 -1.08 -14.79 21.43
C THR A 43 -0.26 -15.27 20.23
N SER A 44 -0.02 -16.57 20.14
CA SER A 44 0.70 -17.19 19.03
C SER A 44 0.03 -17.05 17.66
N ARG A 45 -1.27 -17.31 17.63
CA ARG A 45 -2.06 -17.11 16.41
C ARG A 45 -2.14 -15.64 16.00
N ALA A 46 -2.28 -14.73 16.96
CA ALA A 46 -2.30 -13.29 16.69
C ALA A 46 -0.98 -12.89 16.02
N VAL A 47 0.11 -13.29 16.65
CA VAL A 47 1.47 -12.99 16.23
C VAL A 47 1.77 -13.42 14.78
N MET A 48 1.25 -14.56 14.35
CA MET A 48 1.47 -15.02 12.99
C MET A 48 0.54 -14.37 11.97
N GLU A 49 -0.74 -14.20 12.32
CA GLU A 49 -1.68 -13.52 11.45
C GLU A 49 -1.42 -12.02 11.33
N ILE A 50 -1.03 -11.38 12.41
CA ILE A 50 -0.69 -9.97 12.33
C ILE A 50 0.57 -9.75 11.45
N MET A 51 1.54 -10.66 11.55
CA MET A 51 2.75 -10.57 10.79
C MET A 51 2.42 -10.66 9.28
N THR A 52 1.61 -11.66 8.92
CA THR A 52 1.21 -11.94 7.55
C THR A 52 0.48 -10.77 6.91
N LYS A 53 -0.46 -10.21 7.67
CA LYS A 53 -1.30 -9.09 7.25
C LYS A 53 -0.58 -7.75 7.18
N THR A 54 0.51 -7.60 7.95
CA THR A 54 1.27 -6.39 7.91
C THR A 54 2.11 -6.41 6.63
N ILE A 55 2.63 -7.58 6.28
CA ILE A 55 3.39 -7.78 5.07
C ILE A 55 2.51 -7.56 3.84
N GLU A 56 1.31 -8.12 3.86
CA GLU A 56 0.35 -7.96 2.75
C GLU A 56 -0.14 -6.54 2.62
N TYR A 57 -0.11 -5.79 3.72
CA TYR A 57 -0.38 -4.35 3.71
C TYR A 57 0.80 -3.50 3.14
N LEU A 58 2.02 -3.85 3.50
CA LEU A 58 3.19 -3.17 2.98
C LEU A 58 3.32 -3.43 1.48
N GLN A 59 3.15 -4.70 1.09
CA GLN A 59 3.30 -5.15 -0.28
C GLN A 59 2.10 -5.96 -0.76
N PRO A 60 0.98 -5.28 -1.11
CA PRO A 60 -0.18 -6.04 -1.60
C PRO A 60 0.08 -6.89 -2.87
N ASN A 61 1.05 -6.48 -3.68
CA ASN A 61 1.51 -7.31 -4.80
C ASN A 61 2.31 -8.54 -4.34
N PRO A 62 1.76 -9.76 -4.55
CA PRO A 62 2.33 -11.04 -4.11
C PRO A 62 3.75 -11.37 -4.63
N ALA A 63 4.12 -10.85 -5.80
CA ALA A 63 5.47 -11.04 -6.31
C ALA A 63 6.46 -10.09 -5.61
N SER A 64 5.96 -9.04 -4.98
CA SER A 64 6.84 -8.11 -4.27
C SER A 64 7.15 -8.49 -2.82
N ARG A 65 6.29 -9.30 -2.21
CA ARG A 65 6.36 -9.58 -0.77
C ARG A 65 7.68 -10.20 -0.27
N PRO A 87 11.04 -3.06 -7.04
CA PRO A 87 10.59 -1.65 -7.09
C PRO A 87 9.19 -1.40 -6.49
N GLN A 88 9.06 -0.29 -5.76
CA GLN A 88 7.77 0.19 -5.31
C GLN A 88 6.88 0.64 -6.50
N ALA A 89 5.57 0.64 -6.30
CA ALA A 89 4.59 1.07 -7.29
C ALA A 89 4.79 2.54 -7.60
N GLU A 90 5.06 3.30 -6.53
CA GLU A 90 5.36 4.71 -6.65
C GLU A 90 6.61 4.98 -7.49
N ALA A 91 7.55 4.04 -7.49
CA ALA A 91 8.75 4.17 -8.32
C ALA A 91 8.35 3.95 -9.77
N LEU A 92 7.57 2.91 -10.01
CA LEU A 92 7.13 2.61 -11.38
C LEU A 92 6.37 3.77 -12.01
N LEU A 93 5.55 4.45 -11.20
CA LEU A 93 4.86 5.69 -11.60
C LEU A 93 5.82 6.86 -11.79
N ALA A 94 6.73 7.03 -10.84
CA ALA A 94 7.79 8.05 -10.91
C ALA A 94 8.50 8.01 -12.27
N GLU A 95 8.94 6.82 -12.65
CA GLU A 95 9.74 6.59 -13.84
C GLU A 95 9.01 6.95 -15.12
N ALA A 96 7.73 6.55 -15.20
CA ALA A 96 6.80 6.91 -16.26
C ALA A 96 6.66 8.42 -16.37
N MET A 97 6.31 9.08 -15.26
CA MET A 97 6.14 10.51 -15.28
C MET A 97 7.42 11.19 -15.77
N LEU A 98 8.58 10.71 -15.26
CA LEU A 98 9.89 11.28 -15.60
C LEU A 98 10.25 11.09 -17.09
N LYS A 99 10.07 9.87 -17.61
CA LYS A 99 10.40 9.58 -19.00
C LYS A 99 9.49 10.36 -19.97
N PHE A 100 8.21 10.50 -19.62
CA PHE A 100 7.30 11.21 -20.50
C PHE A 100 7.49 12.72 -20.43
N GLY A 101 7.85 13.23 -19.24
CA GLY A 101 8.30 14.60 -19.08
C GLY A 101 9.49 14.95 -19.97
N ARG A 102 10.46 14.04 -20.06
CA ARG A 102 11.65 14.25 -20.89
C ARG A 102 11.28 14.18 -22.38
N GLU A 103 10.54 13.15 -22.77
CA GLU A 103 10.11 12.98 -24.16
C GLU A 103 9.32 14.19 -24.68
N LEU A 104 8.58 14.83 -23.78
CA LEU A 104 7.76 15.97 -24.15
C LEU A 104 8.60 17.26 -24.32
N GLY A 105 9.64 17.42 -23.51
CA GLY A 105 10.53 18.58 -23.58
C GLY A 105 10.15 19.67 -22.59
N ASP A 106 10.95 20.74 -22.54
CA ASP A 106 10.74 21.83 -21.58
C ASP A 106 9.94 23.01 -22.14
N ASP A 107 9.35 22.82 -23.32
CA ASP A 107 8.75 23.91 -24.10
C ASP A 107 7.68 24.74 -23.38
N CYS A 108 6.64 24.09 -22.90
CA CYS A 108 5.44 24.77 -22.40
C CYS A 108 5.25 24.54 -20.90
N ASN A 109 4.32 23.69 -20.47
CA ASN A 109 4.13 23.51 -19.01
C ASN A 109 3.88 22.10 -18.43
N PHE A 110 3.36 21.20 -19.26
CA PHE A 110 3.00 19.85 -18.86
C PHE A 110 4.21 18.95 -18.68
N GLY A 111 5.06 18.84 -19.70
CA GLY A 111 6.38 18.20 -19.57
C GLY A 111 7.18 18.54 -18.29
N PRO A 112 7.42 19.84 -18.02
CA PRO A 112 8.04 20.28 -16.77
C PRO A 112 7.25 19.90 -15.48
N ALA A 113 5.93 20.03 -15.50
CA ALA A 113 5.12 19.57 -14.37
C ALA A 113 5.30 18.09 -14.12
N LEU A 114 5.36 17.27 -15.18
CA LEU A 114 5.63 15.84 -15.02
C LEU A 114 6.99 15.52 -14.38
N GLY A 115 8.00 16.29 -14.74
CA GLY A 115 9.30 16.24 -14.06
C GLY A 115 9.17 16.50 -12.56
N GLU A 116 8.48 17.58 -12.20
CA GLU A 116 8.26 17.91 -10.79
C GLU A 116 7.48 16.82 -10.00
N VAL A 117 6.31 16.41 -10.53
CA VAL A 117 5.53 15.34 -9.91
C VAL A 117 6.22 13.98 -9.96
N GLY A 118 6.86 13.67 -11.09
CA GLY A 118 7.68 12.48 -11.15
C GLY A 118 8.70 12.42 -10.01
N GLU A 119 9.40 13.54 -9.75
CA GLU A 119 10.41 13.61 -8.66
C GLU A 119 9.78 13.44 -7.29
N ALA A 120 8.67 14.14 -7.03
CA ALA A 120 7.88 13.90 -5.84
C ALA A 120 7.56 12.40 -5.64
N MET A 121 7.10 11.70 -6.69
CA MET A 121 6.72 10.29 -6.54
C MET A 121 7.94 9.45 -6.18
N ARG A 122 9.11 9.87 -6.67
CA ARG A 122 10.39 9.15 -6.48
C ARG A 122 10.81 9.25 -5.03
N GLU A 123 10.70 10.44 -4.48
CA GLU A 123 10.87 10.70 -3.07
C GLU A 123 9.94 9.86 -2.16
N LEU A 124 8.64 9.93 -2.43
CA LEU A 124 7.65 9.06 -1.78
C LEU A 124 8.10 7.61 -1.78
N SER A 125 8.63 7.15 -2.90
CA SER A 125 9.09 5.79 -2.94
C SER A 125 10.31 5.54 -2.06
N GLU A 126 11.15 6.57 -1.86
CA GLU A 126 12.39 6.45 -1.06
C GLU A 126 11.85 6.23 0.38
N VAL A 127 10.91 7.06 0.83
CA VAL A 127 10.38 6.94 2.20
C VAL A 127 9.51 5.67 2.44
N LYS A 128 8.90 5.15 1.38
CA LYS A 128 8.12 3.91 1.45
C LYS A 128 9.06 2.74 1.58
N ASP A 129 10.18 2.85 0.89
CA ASP A 129 11.23 1.87 1.05
C ASP A 129 11.80 1.83 2.48
N SER A 130 12.02 2.98 3.10
CA SER A 130 12.40 3.04 4.52
C SER A 130 11.34 2.44 5.48
N LEU A 131 10.06 2.66 5.19
CA LEU A 131 8.95 2.03 5.94
C LEU A 131 9.04 0.49 5.91
N ASP A 132 9.23 -0.09 4.75
CA ASP A 132 9.26 -1.52 4.66
C ASP A 132 10.42 -2.08 5.48
N MET A 133 11.61 -1.47 5.30
CA MET A 133 12.80 -1.82 6.08
C MET A 133 12.63 -1.64 7.58
N GLU A 134 12.08 -0.52 8.05
CA GLU A 134 12.01 -0.28 9.49
C GLU A 134 10.95 -1.26 10.09
N VAL A 135 9.89 -1.58 9.33
CA VAL A 135 8.85 -2.49 9.82
C VAL A 135 9.37 -3.95 9.80
N LYS A 136 10.15 -4.31 8.79
CA LYS A 136 10.75 -5.66 8.79
C LYS A 136 11.62 -5.84 10.04
N GLN A 137 12.54 -4.91 10.25
CA GLN A 137 13.52 -5.00 11.31
C GLN A 137 12.93 -4.87 12.70
N ASN A 138 11.98 -3.96 12.87
CA ASN A 138 11.47 -3.62 14.19
C ASN A 138 10.14 -4.25 14.57
N PHE A 139 9.48 -4.94 13.64
CA PHE A 139 8.16 -5.46 13.93
C PHE A 139 8.06 -6.89 13.44
N ILE A 140 8.26 -7.10 12.15
CA ILE A 140 8.21 -8.45 11.58
C ILE A 140 9.23 -9.40 12.22
N ASP A 141 10.52 -9.07 12.15
CA ASP A 141 11.59 -9.90 12.73
C ASP A 141 11.46 -10.20 14.24
N PRO A 142 11.24 -9.16 15.09
CA PRO A 142 10.97 -9.46 16.50
C PRO A 142 9.80 -10.44 16.75
N LEU A 143 8.74 -10.39 15.96
CA LEU A 143 7.63 -11.33 16.10
C LEU A 143 7.93 -12.75 15.57
N GLN A 144 8.80 -12.86 14.57
CA GLN A 144 9.18 -14.15 14.02
C GLN A 144 10.06 -14.93 15.01
N ASN A 145 11.02 -14.21 15.59
CA ASN A 145 11.87 -14.68 16.67
C ASN A 145 11.05 -15.11 17.91
N LEU A 146 10.08 -14.29 18.31
CA LEU A 146 9.12 -14.62 19.39
C LEU A 146 8.46 -15.96 19.10
N HIS A 147 8.03 -16.15 17.85
CA HIS A 147 7.42 -17.39 17.43
C HIS A 147 8.44 -18.56 17.44
N ASP A 148 9.65 -18.30 16.98
CA ASP A 148 10.65 -19.36 16.80
C ASP A 148 11.37 -19.73 18.09
N LYS A 149 11.35 -18.85 19.07
CA LYS A 149 12.06 -19.09 20.32
C LYS A 149 11.05 -19.37 21.43
N ASP A 150 10.53 -18.31 22.05
CA ASP A 150 9.65 -18.38 23.22
C ASP A 150 8.37 -19.21 23.03
N LEU A 151 7.60 -18.95 21.96
CA LEU A 151 6.38 -19.72 21.71
C LEU A 151 6.71 -21.17 21.34
N ARG A 152 7.82 -21.36 20.63
CA ARG A 152 8.28 -22.71 20.29
C ARG A 152 8.69 -23.54 21.53
N GLU A 153 9.44 -22.95 22.45
CA GLU A 153 9.83 -23.62 23.71
C GLU A 153 8.57 -24.05 24.50
N ILE A 154 7.63 -23.14 24.71
CA ILE A 154 6.32 -23.45 25.30
C ILE A 154 5.68 -24.70 24.68
N GLN A 155 5.53 -24.74 23.37
CA GLN A 155 4.93 -25.88 22.69
C GLN A 155 5.67 -27.18 22.96
N HIS A 156 6.98 -27.09 23.12
CA HIS A 156 7.81 -28.25 23.41
C HIS A 156 7.58 -28.69 24.86
N HIS A 157 7.49 -27.72 25.76
CA HIS A 157 7.11 -27.96 27.16
C HIS A 157 5.74 -28.65 27.28
N LEU A 158 4.75 -28.18 26.50
CA LEU A 158 3.44 -28.79 26.52
C LEU A 158 3.46 -30.23 25.99
N LYS A 159 4.37 -30.52 25.06
CA LYS A 159 4.50 -31.85 24.48
C LYS A 159 5.03 -32.83 25.52
N LYS A 160 6.15 -32.49 26.15
CA LYS A 160 6.69 -33.27 27.28
C LYS A 160 5.69 -33.45 28.44
N LEU A 161 5.00 -32.37 28.82
CA LEU A 161 3.96 -32.47 29.84
C LEU A 161 2.86 -33.45 29.41
N GLU A 162 2.46 -33.41 28.14
CA GLU A 162 1.41 -34.33 27.70
C GLU A 162 1.84 -35.80 27.83
N GLY A 163 3.11 -36.08 27.54
CA GLY A 163 3.68 -37.40 27.72
C GLY A 163 3.70 -37.83 29.19
N ARG A 164 4.24 -36.98 30.06
CA ARG A 164 4.31 -37.24 31.52
C ARG A 164 2.95 -37.43 32.18
N ARG A 165 1.99 -36.63 31.73
CA ARG A 165 0.60 -36.69 32.15
C ARG A 165 0.00 -38.06 31.86
N LEU A 166 0.24 -38.57 30.64
CA LEU A 166 -0.27 -39.91 30.26
C LEU A 166 0.42 -41.06 31.01
N ASP A 167 1.72 -40.91 31.24
CA ASP A 167 2.51 -41.81 32.09
C ASP A 167 1.92 -41.97 33.48
N PHE A 168 1.70 -40.84 34.16
CA PHE A 168 1.09 -40.81 35.48
C PHE A 168 -0.30 -41.41 35.44
N GLY A 169 -1.09 -41.05 34.44
CA GLY A 169 -2.40 -41.63 34.18
C GLY A 169 -2.34 -43.16 34.23
N TYR A 170 -1.40 -43.72 33.47
CA TYR A 170 -1.15 -45.14 33.41
C TYR A 170 -0.73 -45.79 34.75
N LYS A 171 0.24 -45.18 35.41
CA LYS A 171 0.77 -45.69 36.67
C LYS A 171 -0.29 -45.67 37.79
N LYS A 172 -1.18 -44.68 37.74
CA LYS A 172 -2.26 -44.55 38.70
C LYS A 172 -3.18 -45.76 38.63
N LYS A 173 -3.41 -46.28 37.42
CA LYS A 173 -4.22 -47.48 37.22
C LYS A 173 -3.49 -48.74 37.71
N ARG A 174 -2.16 -48.69 37.71
CA ARG A 174 -1.34 -49.80 38.21
C ARG A 174 -1.11 -49.73 39.73
N GLN A 175 -1.85 -48.83 40.38
CA GLN A 175 -1.70 -48.54 41.81
C GLN A 175 -1.74 -49.75 42.73
N GLY A 176 -0.69 -49.92 43.54
CA GLY A 176 -0.59 -51.07 44.46
C GLY A 176 -0.06 -52.37 43.85
N LYS A 177 -0.20 -52.51 42.53
CA LYS A 177 0.35 -53.63 41.78
C LYS A 177 1.77 -53.32 41.27
N ILE A 178 2.18 -52.04 41.31
CA ILE A 178 3.58 -51.66 41.06
C ILE A 178 4.22 -51.06 42.32
N PRO A 179 5.57 -51.04 42.38
CA PRO A 179 6.20 -50.30 43.46
C PRO A 179 5.67 -48.85 43.56
N ASP A 180 5.55 -48.38 44.80
CA ASP A 180 5.06 -47.04 45.09
C ASP A 180 6.04 -45.96 44.62
N GLU A 181 7.33 -46.27 44.76
CA GLU A 181 8.43 -45.49 44.19
C GLU A 181 8.28 -45.27 42.66
N GLU A 182 7.75 -46.27 41.95
CA GLU A 182 7.47 -46.16 40.53
C GLU A 182 6.30 -45.20 40.26
N LEU A 183 5.29 -45.24 41.15
CA LEU A 183 4.17 -44.30 41.09
C LEU A 183 4.60 -42.89 41.52
N ARG A 184 5.39 -42.80 42.59
CA ARG A 184 5.91 -41.52 43.08
C ARG A 184 6.73 -40.78 42.01
N GLN A 185 7.57 -41.53 41.27
CA GLN A 185 8.41 -41.05 40.17
C GLN A 185 7.60 -40.46 39.01
N ALA A 186 6.57 -41.17 38.56
CA ALA A 186 5.69 -40.67 37.53
C ALA A 186 5.00 -39.40 38.01
N LEU A 187 4.59 -39.39 39.27
CA LEU A 187 3.92 -38.24 39.85
C LEU A 187 4.81 -36.98 39.86
N GLU A 188 6.04 -37.12 40.34
CA GLU A 188 6.82 -35.91 40.50
C GLU A 188 7.47 -35.46 39.19
N LYS A 189 7.63 -36.40 38.24
CA LYS A 189 8.06 -36.09 36.87
C LYS A 189 6.98 -35.28 36.16
N PHE A 190 5.74 -35.73 36.28
CA PHE A 190 4.56 -34.97 35.84
C PHE A 190 4.48 -33.57 36.45
N ASP A 191 4.75 -33.48 37.75
CA ASP A 191 4.78 -32.19 38.43
C ASP A 191 5.93 -31.28 37.99
N GLU A 192 7.10 -31.86 37.74
CA GLU A 192 8.23 -31.08 37.27
C GLU A 192 7.93 -30.44 35.90
N SER A 193 7.30 -31.23 35.01
CA SER A 193 6.87 -30.78 33.70
C SER A 193 5.79 -29.73 33.80
N LYS A 194 4.81 -29.97 34.66
CA LYS A 194 3.69 -29.05 34.76
C LYS A 194 4.21 -27.64 35.13
N GLU A 195 5.21 -27.61 36.02
CA GLU A 195 5.83 -26.38 36.53
C GLU A 195 6.68 -25.69 35.47
N ILE A 196 7.44 -26.47 34.71
CA ILE A 196 8.26 -25.92 33.63
C ILE A 196 7.38 -25.23 32.59
N ALA A 197 6.31 -25.90 32.16
CA ALA A 197 5.35 -25.36 31.20
C ALA A 197 4.66 -24.10 31.69
N GLU A 198 4.33 -24.09 32.96
CA GLU A 198 3.48 -23.08 33.55
C GLU A 198 4.24 -21.78 33.82
N SER A 199 5.53 -21.92 34.15
CA SER A 199 6.42 -20.80 34.30
C SER A 199 6.85 -20.18 32.95
N SER A 200 7.05 -21.00 31.94
CA SER A 200 7.22 -20.52 30.55
C SER A 200 5.99 -19.72 30.03
N MET A 201 4.79 -20.26 30.22
CA MET A 201 3.57 -19.57 29.74
C MET A 201 3.32 -18.28 30.54
N PHE A 202 3.64 -18.31 31.82
CA PHE A 202 3.33 -17.20 32.71
C PHE A 202 4.22 -15.98 32.39
N ASN A 203 5.50 -16.28 32.13
CA ASN A 203 6.49 -15.28 31.79
C ASN A 203 6.19 -14.55 30.46
N LEU A 204 5.82 -15.30 29.43
CA LEU A 204 5.36 -14.75 28.17
C LEU A 204 4.15 -13.83 28.36
N LEU A 205 3.28 -14.17 29.30
CA LEU A 205 2.09 -13.35 29.53
C LEU A 205 2.37 -12.09 30.34
N GLU A 206 3.35 -12.17 31.26
CA GLU A 206 3.70 -11.03 32.11
C GLU A 206 4.62 -10.04 31.39
N MET A 207 5.41 -10.53 30.44
CA MET A 207 6.26 -9.69 29.60
C MET A 207 5.54 -9.09 28.36
N ASP A 208 4.19 -9.07 28.34
CA ASP A 208 3.42 -8.71 27.13
C ASP A 208 3.55 -7.23 26.69
N ILE A 209 3.97 -6.39 27.63
CA ILE A 209 4.36 -5.03 27.31
C ILE A 209 5.45 -4.99 26.22
N GLU A 210 6.23 -6.05 26.07
CA GLU A 210 7.14 -6.11 24.96
C GLU A 210 6.42 -6.18 23.59
N GLN A 211 5.22 -6.75 23.58
CA GLN A 211 4.45 -6.88 22.34
C GLN A 211 3.81 -5.57 21.99
N VAL A 212 3.51 -4.81 23.03
CA VAL A 212 3.09 -3.42 22.95
C VAL A 212 4.22 -2.51 22.43
N SER A 213 5.47 -2.77 22.85
CA SER A 213 6.62 -2.09 22.23
C SER A 213 6.77 -2.39 20.74
N GLN A 214 6.46 -3.61 20.35
CA GLN A 214 6.49 -3.99 18.94
C GLN A 214 5.40 -3.30 18.11
N LEU A 215 4.20 -3.20 18.68
CA LEU A 215 3.09 -2.46 18.07
C LEU A 215 3.43 -0.98 17.97
N SER A 216 4.05 -0.46 19.02
CA SER A 216 4.50 0.92 19.04
C SER A 216 5.57 1.18 17.98
N ALA A 217 6.44 0.20 17.72
CA ALA A 217 7.45 0.29 16.65
C ALA A 217 6.81 0.36 15.23
N LEU A 218 5.81 -0.48 14.97
CA LEU A 218 5.05 -0.43 13.71
C LEU A 218 4.42 0.95 13.47
N VAL A 219 3.77 1.45 14.51
CA VAL A 219 3.11 2.74 14.48
C VAL A 219 4.07 3.94 14.33
N GLN A 220 5.26 3.84 14.92
CA GLN A 220 6.21 4.96 14.90
C GLN A 220 6.78 5.11 13.51
N ALA A 221 7.10 3.98 12.91
CA ALA A 221 7.59 3.89 11.56
C ALA A 221 6.57 4.40 10.49
N GLN A 222 5.29 4.01 10.64
CA GLN A 222 4.22 4.54 9.78
C GLN A 222 4.09 6.04 9.99
N LEU A 223 4.17 6.46 11.26
CA LEU A 223 4.03 7.89 11.60
C LEU A 223 5.10 8.71 10.88
N GLU A 224 6.32 8.21 10.94
CA GLU A 224 7.46 8.88 10.35
C GLU A 224 7.34 8.93 8.84
N TYR A 225 6.94 7.82 8.24
CA TYR A 225 6.70 7.74 6.79
C TYR A 225 5.65 8.75 6.35
N HIS A 226 4.54 8.83 7.07
CA HIS A 226 3.48 9.74 6.68
C HIS A 226 3.85 11.18 6.81
N LYS A 227 4.61 11.51 7.86
CA LYS A 227 5.12 12.87 8.09
C LYS A 227 6.03 13.33 6.97
N GLN A 228 6.93 12.45 6.54
CA GLN A 228 7.82 12.72 5.41
C GLN A 228 7.04 12.88 4.09
N ALA A 229 6.01 12.06 3.88
CA ALA A 229 5.18 12.15 2.68
C ALA A 229 4.48 13.51 2.66
N VAL A 230 3.98 13.96 3.80
CA VAL A 230 3.40 15.30 3.92
C VAL A 230 4.41 16.40 3.49
N GLN A 231 5.65 16.34 3.97
CA GLN A 231 6.68 17.33 3.56
C GLN A 231 6.95 17.29 2.04
N ILE A 232 7.21 16.09 1.51
CA ILE A 232 7.36 15.93 0.07
C ILE A 232 6.18 16.55 -0.75
N LEU A 233 4.96 16.28 -0.32
CA LEU A 233 3.84 16.68 -1.13
C LEU A 233 3.50 18.15 -0.95
N GLN A 234 3.71 18.68 0.25
CA GLN A 234 3.61 20.11 0.52
C GLN A 234 4.53 20.93 -0.38
N GLN A 235 5.73 20.42 -0.59
CA GLN A 235 6.71 21.08 -1.45
C GLN A 235 6.32 21.02 -2.91
N VAL A 236 5.80 19.88 -3.36
CA VAL A 236 5.48 19.81 -4.77
C VAL A 236 4.21 20.60 -5.05
N THR A 237 3.37 20.75 -4.03
CA THR A 237 2.13 21.52 -4.11
C THR A 237 2.42 22.97 -4.48
N VAL A 238 3.35 23.57 -3.73
CA VAL A 238 3.84 24.92 -3.97
C VAL A 238 4.30 25.11 -5.43
N ARG A 239 5.05 24.15 -5.98
CA ARG A 239 5.57 24.27 -7.33
C ARG A 239 4.48 24.20 -8.42
N LEU A 240 3.44 23.42 -8.17
CA LEU A 240 2.34 23.34 -9.11
C LEU A 240 1.49 24.60 -9.05
N GLU A 241 1.19 25.07 -7.83
CA GLU A 241 0.37 26.27 -7.65
C GLU A 241 1.03 27.48 -8.28
N GLU A 242 2.34 27.64 -8.06
CA GLU A 242 3.13 28.67 -8.72
C GLU A 242 2.91 28.55 -10.24
N ARG A 243 3.23 27.36 -10.77
CA ARG A 243 3.10 27.07 -12.19
C ARG A 243 1.72 27.39 -12.76
N ILE A 244 0.66 27.08 -12.01
CA ILE A 244 -0.70 27.40 -12.44
C ILE A 244 -0.92 28.92 -12.49
N ARG A 245 -0.37 29.65 -11.51
CA ARG A 245 -0.60 31.08 -11.38
C ARG A 245 0.04 31.94 -12.46
N GLN A 246 1.29 31.63 -12.83
CA GLN A 246 1.90 32.31 -13.95
C GLN A 246 1.07 32.07 -15.18
N LYS B 28 2.37 18.08 -48.54
CA LYS B 28 3.42 18.09 -47.47
C LYS B 28 3.05 19.03 -46.32
N LEU B 29 3.62 18.75 -45.14
CA LEU B 29 3.22 19.41 -43.89
C LEU B 29 4.34 20.29 -43.28
N ASP B 30 3.97 21.46 -42.73
CA ASP B 30 4.94 22.29 -41.99
C ASP B 30 5.69 21.44 -40.94
N ASP B 31 6.97 21.77 -40.71
CA ASP B 31 7.79 21.05 -39.71
C ASP B 31 7.21 21.25 -38.31
N ASP B 32 6.42 22.30 -38.21
CA ASP B 32 5.68 22.66 -37.03
C ASP B 32 4.42 21.78 -36.86
N PHE B 33 3.78 21.40 -37.97
CA PHE B 33 2.62 20.50 -37.91
C PHE B 33 3.12 19.12 -37.44
N LYS B 34 4.24 18.67 -38.01
CA LYS B 34 4.85 17.38 -37.69
C LYS B 34 5.35 17.28 -36.22
N GLU B 35 5.72 18.42 -35.67
CA GLU B 35 6.22 18.54 -34.31
C GLU B 35 5.05 18.47 -33.32
N MET B 36 3.98 19.20 -33.63
CA MET B 36 2.70 19.08 -32.94
C MET B 36 2.14 17.66 -32.96
N GLU B 37 2.22 17.00 -34.10
CA GLU B 37 1.76 15.63 -34.17
C GLU B 37 2.55 14.72 -33.20
N ARG B 38 3.88 14.87 -33.23
CA ARG B 38 4.80 14.16 -32.33
C ARG B 38 4.38 14.35 -30.86
N LYS B 39 4.18 15.60 -30.46
CA LYS B 39 3.88 15.95 -29.09
C LYS B 39 2.52 15.42 -28.63
N VAL B 40 1.59 15.31 -29.60
CA VAL B 40 0.26 14.77 -29.34
C VAL B 40 0.38 13.26 -29.12
N ASP B 41 1.20 12.60 -29.92
CA ASP B 41 1.46 11.18 -29.70
C ASP B 41 1.98 10.92 -28.26
N VAL B 42 3.02 11.65 -27.86
CA VAL B 42 3.63 11.51 -26.54
C VAL B 42 2.63 11.74 -25.43
N THR B 43 1.84 12.81 -25.54
CA THR B 43 0.81 13.20 -24.57
C THR B 43 -0.21 12.09 -24.42
N SER B 44 -0.58 11.51 -25.56
CA SER B 44 -1.52 10.42 -25.65
C SER B 44 -0.97 9.21 -24.92
N ARG B 45 0.24 8.79 -25.26
CA ARG B 45 0.93 7.65 -24.62
C ARG B 45 1.25 7.91 -23.12
N ALA B 46 1.47 9.17 -22.74
CA ALA B 46 1.74 9.54 -21.35
C ALA B 46 0.47 9.34 -20.52
N VAL B 47 -0.66 9.80 -21.08
CA VAL B 47 -1.94 9.83 -20.40
C VAL B 47 -2.35 8.41 -20.02
N MET B 48 -2.23 7.48 -20.96
CA MET B 48 -2.51 6.07 -20.74
C MET B 48 -1.55 5.34 -19.76
N GLU B 49 -0.26 5.50 -19.99
CA GLU B 49 0.73 4.88 -19.13
C GLU B 49 0.58 5.33 -17.67
N ILE B 50 0.40 6.63 -17.47
CA ILE B 50 0.29 7.23 -16.15
C ILE B 50 -1.02 6.90 -15.39
N MET B 51 -2.12 6.79 -16.13
CA MET B 51 -3.38 6.30 -15.59
C MET B 51 -3.19 4.90 -15.04
N THR B 52 -2.68 4.01 -15.88
CA THR B 52 -2.41 2.62 -15.55
C THR B 52 -1.47 2.44 -14.34
N LYS B 53 -0.43 3.27 -14.26
CA LYS B 53 0.52 3.21 -13.15
C LYS B 53 -0.05 3.83 -11.89
N THR B 54 -0.95 4.81 -12.02
CA THR B 54 -1.60 5.43 -10.86
C THR B 54 -2.55 4.45 -10.19
N ILE B 55 -3.29 3.72 -11.00
CA ILE B 55 -4.25 2.70 -10.56
C ILE B 55 -3.49 1.61 -9.82
N GLU B 56 -2.42 1.12 -10.44
CA GLU B 56 -1.60 0.07 -9.88
C GLU B 56 -0.90 0.48 -8.60
N TYR B 57 -0.71 1.79 -8.42
CA TYR B 57 -0.21 2.34 -7.17
C TYR B 57 -1.29 2.47 -6.07
N LEU B 58 -2.54 2.77 -6.44
CA LEU B 58 -3.64 2.73 -5.47
C LEU B 58 -3.98 1.32 -5.02
N GLN B 59 -3.98 0.40 -5.98
CA GLN B 59 -4.28 -0.99 -5.73
C GLN B 59 -3.23 -1.88 -6.33
N PRO B 60 -2.11 -2.10 -5.62
CA PRO B 60 -1.01 -2.91 -6.17
C PRO B 60 -1.30 -4.41 -6.31
N ASN B 61 -2.32 -4.92 -5.65
CA ASN B 61 -2.69 -6.34 -5.79
C ASN B 61 -3.58 -6.56 -7.04
N PRO B 62 -3.09 -7.34 -8.01
CA PRO B 62 -3.84 -7.57 -9.26
C PRO B 62 -5.27 -8.09 -9.03
N ALA B 63 -5.45 -8.97 -8.04
CA ALA B 63 -6.77 -9.53 -7.72
C ALA B 63 -7.71 -8.51 -7.12
N SER B 64 -7.19 -7.55 -6.36
CA SER B 64 -8.03 -6.45 -5.87
C SER B 64 -8.37 -5.52 -7.04
N ARG B 65 -7.42 -5.38 -7.97
CA ARG B 65 -7.60 -4.64 -9.22
C ARG B 65 -8.62 -5.30 -10.17
N ALA B 66 -9.71 -5.81 -9.60
CA ALA B 66 -10.83 -6.33 -10.41
C ALA B 66 -11.80 -5.18 -10.64
N LYS B 67 -12.23 -4.60 -9.53
CA LYS B 67 -13.31 -3.59 -9.49
C LYS B 67 -13.13 -2.54 -10.57
N PRO B 87 -12.50 -3.89 0.82
CA PRO B 87 -11.55 -4.50 1.73
C PRO B 87 -10.09 -4.12 1.37
N GLN B 88 -9.70 -2.87 1.66
CA GLN B 88 -8.27 -2.48 1.58
C GLN B 88 -7.50 -3.27 2.63
N ALA B 89 -6.18 -3.36 2.41
CA ALA B 89 -5.25 -4.10 3.26
C ALA B 89 -5.15 -3.63 4.72
N GLU B 90 -5.38 -2.33 4.94
CA GLU B 90 -5.33 -1.72 6.26
C GLU B 90 -6.47 -2.21 7.12
N ALA B 91 -7.61 -2.45 6.46
CA ALA B 91 -8.85 -2.89 7.06
C ALA B 91 -8.79 -4.34 7.44
N LEU B 92 -8.08 -5.15 6.67
CA LEU B 92 -7.88 -6.55 7.02
C LEU B 92 -6.89 -6.73 8.20
N LEU B 93 -5.83 -5.94 8.21
CA LEU B 93 -5.01 -5.75 9.40
C LEU B 93 -5.82 -5.24 10.61
N ALA B 94 -6.55 -4.14 10.47
CA ALA B 94 -7.41 -3.62 11.54
C ALA B 94 -8.27 -4.71 12.19
N GLU B 95 -8.92 -5.52 11.36
CA GLU B 95 -9.89 -6.55 11.79
C GLU B 95 -9.23 -7.77 12.45
N ALA B 96 -8.03 -8.14 11.97
CA ALA B 96 -7.27 -9.17 12.62
C ALA B 96 -6.89 -8.70 14.04
N MET B 97 -6.43 -7.45 14.16
CA MET B 97 -5.97 -6.92 15.44
C MET B 97 -7.15 -6.84 16.44
N LEU B 98 -8.30 -6.41 15.93
CA LEU B 98 -9.51 -6.26 16.75
C LEU B 98 -10.01 -7.63 17.22
N LYS B 99 -10.05 -8.59 16.32
CA LYS B 99 -10.48 -9.93 16.62
C LYS B 99 -9.63 -10.54 17.74
N PHE B 100 -8.30 -10.54 17.52
CA PHE B 100 -7.37 -11.10 18.50
C PHE B 100 -7.33 -10.34 19.81
N GLY B 101 -7.52 -9.02 19.77
CA GLY B 101 -7.65 -8.22 20.98
C GLY B 101 -8.77 -8.76 21.87
N ARG B 102 -9.96 -8.98 21.28
CA ARG B 102 -11.12 -9.50 22.03
C ARG B 102 -11.05 -10.98 22.36
N GLU B 103 -10.44 -11.77 21.49
CA GLU B 103 -10.29 -13.18 21.76
C GLU B 103 -9.30 -13.47 22.89
N LEU B 104 -8.27 -12.64 23.03
CA LEU B 104 -7.23 -12.85 24.04
C LEU B 104 -7.84 -12.90 25.44
N GLY B 105 -8.76 -11.97 25.71
CA GLY B 105 -9.43 -11.92 27.00
C GLY B 105 -8.46 -11.71 28.16
N ASP B 106 -7.51 -10.81 27.96
CA ASP B 106 -6.53 -10.49 28.96
C ASP B 106 -6.25 -8.99 28.92
N ASP B 107 -6.45 -8.34 30.07
CA ASP B 107 -6.37 -6.88 30.18
C ASP B 107 -5.07 -6.31 30.69
N CYS B 108 -3.99 -7.07 30.61
CA CYS B 108 -2.71 -6.51 31.00
C CYS B 108 -2.31 -5.43 29.99
N ASN B 109 -1.86 -5.81 28.79
CA ASN B 109 -1.24 -4.83 27.89
C ASN B 109 -1.54 -5.09 26.40
N PHE B 110 -1.11 -6.23 25.90
CA PHE B 110 -1.24 -6.63 24.50
C PHE B 110 -2.68 -6.53 23.99
N GLY B 111 -3.62 -7.06 24.79
CA GLY B 111 -5.05 -7.10 24.44
C GLY B 111 -5.64 -5.72 24.19
N PRO B 112 -5.61 -4.83 25.20
CA PRO B 112 -5.97 -3.42 25.03
C PRO B 112 -5.22 -2.68 23.88
N ALA B 113 -3.90 -2.81 23.79
CA ALA B 113 -3.12 -2.18 22.71
C ALA B 113 -3.57 -2.64 21.31
N LEU B 114 -3.88 -3.93 21.14
CA LEU B 114 -4.44 -4.43 19.89
C LEU B 114 -5.73 -3.74 19.48
N GLY B 115 -6.62 -3.51 20.44
CA GLY B 115 -7.82 -2.70 20.20
C GLY B 115 -7.49 -1.27 19.75
N GLU B 116 -6.54 -0.62 20.44
CA GLU B 116 -6.11 0.75 20.13
C GLU B 116 -5.53 0.87 18.70
N VAL B 117 -4.61 -0.03 18.36
CA VAL B 117 -3.95 0.02 17.09
C VAL B 117 -4.89 -0.49 16.03
N GLY B 118 -5.77 -1.42 16.40
CA GLY B 118 -6.77 -1.97 15.50
C GLY B 118 -7.65 -0.86 14.97
N GLU B 119 -8.08 0.04 15.86
CA GLU B 119 -8.93 1.16 15.51
C GLU B 119 -8.17 2.23 14.72
N ALA B 120 -6.89 2.47 15.05
CA ALA B 120 -6.05 3.36 14.25
C ALA B 120 -5.99 2.86 12.80
N MET B 121 -5.69 1.57 12.62
CA MET B 121 -5.59 0.93 11.30
C MET B 121 -6.90 1.05 10.50
N ARG B 122 -8.05 0.96 11.18
CA ARG B 122 -9.33 1.08 10.51
C ARG B 122 -9.54 2.51 10.07
N GLU B 123 -9.19 3.47 10.93
CA GLU B 123 -9.19 4.88 10.56
C GLU B 123 -8.37 5.19 9.29
N LEU B 124 -7.16 4.60 9.19
CA LEU B 124 -6.29 4.77 8.01
C LEU B 124 -6.94 4.16 6.77
N SER B 125 -7.55 3.00 6.96
CA SER B 125 -8.36 2.35 5.95
C SER B 125 -9.41 3.28 5.31
N GLU B 126 -10.09 4.05 6.15
CA GLU B 126 -11.12 5.00 5.73
C GLU B 126 -10.57 6.17 4.93
N VAL B 127 -9.49 6.78 5.39
CA VAL B 127 -8.90 7.89 4.63
C VAL B 127 -8.26 7.39 3.33
N LYS B 128 -7.88 6.12 3.31
CA LYS B 128 -7.41 5.46 2.09
C LYS B 128 -8.53 5.22 1.05
N ASP B 129 -9.72 4.87 1.54
CA ASP B 129 -10.94 4.86 0.70
C ASP B 129 -11.17 6.19 0.04
N SER B 130 -11.21 7.25 0.84
CA SER B 130 -11.32 8.59 0.35
C SER B 130 -10.29 8.94 -0.75
N LEU B 131 -9.03 8.56 -0.54
CA LEU B 131 -7.97 8.80 -1.54
C LEU B 131 -8.29 8.08 -2.84
N ASP B 132 -8.59 6.79 -2.77
CA ASP B 132 -8.87 6.03 -3.97
C ASP B 132 -10.00 6.66 -4.78
N MET B 133 -11.01 7.19 -4.07
CA MET B 133 -12.23 7.73 -4.67
C MET B 133 -11.92 9.09 -5.27
N GLU B 134 -11.19 9.92 -4.51
CA GLU B 134 -10.76 11.23 -4.96
C GLU B 134 -9.85 11.17 -6.20
N VAL B 135 -9.00 10.15 -6.26
CA VAL B 135 -8.01 10.11 -7.33
C VAL B 135 -8.68 9.70 -8.63
N LYS B 136 -9.55 8.69 -8.52
CA LYS B 136 -10.39 8.23 -9.62
C LYS B 136 -11.22 9.36 -10.20
N GLN B 137 -11.77 10.18 -9.31
CA GLN B 137 -12.71 11.22 -9.70
C GLN B 137 -12.01 12.44 -10.30
N ASN B 138 -10.89 12.86 -9.69
CA ASN B 138 -10.25 14.12 -10.02
C ASN B 138 -9.01 13.97 -10.88
N PHE B 139 -8.60 12.73 -11.14
CA PHE B 139 -7.40 12.45 -11.90
C PHE B 139 -7.57 11.35 -12.96
N ILE B 140 -8.02 10.19 -12.57
CA ILE B 140 -8.13 9.08 -13.51
C ILE B 140 -9.25 9.31 -14.56
N ASP B 141 -10.43 9.80 -14.11
CA ASP B 141 -11.57 10.09 -15.03
C ASP B 141 -11.30 11.27 -15.97
N PRO B 142 -10.83 12.41 -15.45
CA PRO B 142 -10.34 13.48 -16.32
C PRO B 142 -9.35 13.01 -17.42
N LEU B 143 -8.45 12.10 -17.10
CA LEU B 143 -7.48 11.63 -18.08
C LEU B 143 -8.08 10.61 -19.07
N GLN B 144 -9.01 9.77 -18.61
CA GLN B 144 -9.69 8.86 -19.52
C GLN B 144 -10.58 9.68 -20.49
N ASN B 145 -11.24 10.71 -19.96
CA ASN B 145 -12.02 11.65 -20.77
C ASN B 145 -11.18 12.38 -21.82
N LEU B 146 -9.98 12.82 -21.45
CA LEU B 146 -9.05 13.41 -22.44
C LEU B 146 -8.69 12.40 -23.54
N HIS B 147 -8.51 11.13 -23.16
CA HIS B 147 -8.24 10.06 -24.12
C HIS B 147 -9.43 9.78 -25.06
N ASP B 148 -10.61 9.65 -24.48
CA ASP B 148 -11.85 9.27 -25.18
C ASP B 148 -12.42 10.38 -26.06
N LYS B 149 -12.15 11.63 -25.70
CA LYS B 149 -12.70 12.76 -26.41
C LYS B 149 -11.62 13.45 -27.27
N ASP B 150 -10.90 14.39 -26.64
CA ASP B 150 -9.92 15.27 -27.34
C ASP B 150 -8.90 14.52 -28.19
N LEU B 151 -8.27 13.52 -27.61
CA LEU B 151 -7.22 12.79 -28.32
C LEU B 151 -7.76 11.91 -29.43
N ARG B 152 -8.95 11.35 -29.22
CA ARG B 152 -9.67 10.60 -30.23
C ARG B 152 -10.04 11.52 -31.41
N GLU B 153 -10.59 12.68 -31.10
CA GLU B 153 -10.97 13.71 -32.06
C GLU B 153 -9.80 14.07 -32.99
N ILE B 154 -8.62 14.22 -32.40
CA ILE B 154 -7.43 14.54 -33.17
C ILE B 154 -7.00 13.36 -34.06
N GLN B 155 -7.05 12.13 -33.57
CA GLN B 155 -6.80 10.99 -34.48
C GLN B 155 -7.82 10.91 -35.65
N HIS B 156 -9.08 11.24 -35.39
CA HIS B 156 -10.13 11.28 -36.42
C HIS B 156 -9.78 12.32 -37.51
N HIS B 157 -9.57 13.58 -37.11
CA HIS B 157 -9.02 14.62 -37.97
C HIS B 157 -7.78 14.23 -38.74
N LEU B 158 -6.79 13.63 -38.09
CA LEU B 158 -5.58 13.19 -38.80
C LEU B 158 -5.84 12.09 -39.82
N LYS B 159 -6.82 11.24 -39.56
CA LYS B 159 -7.22 10.20 -40.52
C LYS B 159 -7.96 10.80 -41.74
N LYS B 160 -8.88 11.72 -41.50
CA LYS B 160 -9.53 12.44 -42.60
C LYS B 160 -8.44 13.11 -43.48
N LEU B 161 -7.52 13.85 -42.86
CA LEU B 161 -6.44 14.51 -43.56
C LEU B 161 -5.66 13.59 -44.51
N GLU B 162 -5.33 12.38 -44.06
CA GLU B 162 -4.71 11.37 -44.92
C GLU B 162 -5.64 10.98 -46.10
N GLY B 163 -6.95 10.95 -45.84
CA GLY B 163 -7.93 10.68 -46.87
C GLY B 163 -7.83 11.69 -48.01
N ARG B 164 -7.92 12.97 -47.64
CA ARG B 164 -7.64 14.11 -48.52
C ARG B 164 -6.33 14.03 -49.33
N ARG B 165 -5.26 13.61 -48.68
CA ARG B 165 -3.97 13.39 -49.36
C ARG B 165 -4.07 12.32 -50.43
N LEU B 166 -4.76 11.22 -50.11
CA LEU B 166 -4.89 10.11 -51.04
C LEU B 166 -5.77 10.49 -52.22
N ASP B 167 -6.85 11.23 -51.94
CA ASP B 167 -7.74 11.79 -52.96
C ASP B 167 -6.96 12.65 -53.97
N PHE B 168 -6.19 13.60 -53.45
CA PHE B 168 -5.32 14.43 -54.28
C PHE B 168 -4.18 13.62 -54.93
N GLY B 169 -3.56 12.72 -54.16
CA GLY B 169 -2.43 11.91 -54.62
C GLY B 169 -2.80 10.92 -55.72
N TYR B 170 -4.10 10.77 -55.97
CA TYR B 170 -4.59 9.92 -57.06
C TYR B 170 -4.94 10.76 -58.30
N LYS B 171 -5.53 11.93 -58.07
CA LYS B 171 -5.83 12.90 -59.12
C LYS B 171 -4.58 13.51 -59.74
N LYS B 172 -3.45 13.41 -59.04
CA LYS B 172 -2.16 13.84 -59.55
C LYS B 172 -1.63 12.96 -60.68
N LYS B 173 -2.19 11.76 -60.83
CA LYS B 173 -1.85 10.85 -61.94
C LYS B 173 -2.41 11.33 -63.29
N ARG B 174 -3.51 12.07 -63.24
CA ARG B 174 -4.08 12.72 -64.42
C ARG B 174 -3.64 14.18 -64.49
N ASP B 180 -7.81 20.67 -64.37
CA ASP B 180 -6.89 21.25 -63.40
C ASP B 180 -7.58 22.15 -62.37
N GLU B 181 -8.80 22.59 -62.68
CA GLU B 181 -9.66 23.26 -61.70
C GLU B 181 -10.11 22.28 -60.62
N GLU B 182 -10.00 20.99 -60.93
CA GLU B 182 -10.30 19.91 -60.00
C GLU B 182 -9.07 19.49 -59.19
N LEU B 183 -7.92 19.38 -59.86
CA LEU B 183 -6.66 19.01 -59.19
C LEU B 183 -6.27 20.07 -58.15
N ARG B 184 -6.95 21.21 -58.20
CA ARG B 184 -6.72 22.28 -57.25
C ARG B 184 -7.91 22.47 -56.30
N GLN B 185 -9.03 21.83 -56.60
CA GLN B 185 -10.19 21.85 -55.67
C GLN B 185 -9.98 20.80 -54.58
N ALA B 186 -9.12 19.82 -54.89
CA ALA B 186 -8.70 18.78 -53.98
C ALA B 186 -7.61 19.28 -53.03
N LEU B 187 -6.56 19.90 -53.59
CA LEU B 187 -5.49 20.52 -52.77
C LEU B 187 -6.04 21.61 -51.83
N GLU B 188 -7.17 22.20 -52.19
CA GLU B 188 -7.86 23.15 -51.32
C GLU B 188 -8.62 22.41 -50.23
N LYS B 189 -8.98 21.15 -50.50
CA LYS B 189 -9.74 20.34 -49.55
C LYS B 189 -8.81 19.74 -48.50
N PHE B 190 -7.62 19.30 -48.94
CA PHE B 190 -6.48 18.93 -48.10
C PHE B 190 -6.08 20.05 -47.15
N ASP B 191 -5.74 21.22 -47.71
CA ASP B 191 -5.46 22.45 -46.95
C ASP B 191 -6.51 22.72 -45.89
N GLU B 192 -7.79 22.61 -46.26
CA GLU B 192 -8.87 22.75 -45.29
C GLU B 192 -8.76 21.72 -44.17
N SER B 193 -8.48 20.45 -44.53
CA SER B 193 -8.40 19.37 -43.54
C SER B 193 -7.16 19.59 -42.64
N LYS B 194 -6.07 20.06 -43.24
CA LYS B 194 -4.80 20.38 -42.54
C LYS B 194 -5.05 21.33 -41.38
N GLU B 195 -5.82 22.38 -41.64
CA GLU B 195 -6.06 23.44 -40.66
C GLU B 195 -7.04 23.00 -39.55
N ILE B 196 -7.92 22.06 -39.87
CA ILE B 196 -8.79 21.48 -38.87
C ILE B 196 -7.92 20.63 -37.93
N ALA B 197 -7.09 19.78 -38.52
CA ALA B 197 -6.20 18.94 -37.76
C ALA B 197 -5.30 19.80 -36.88
N GLU B 198 -4.63 20.79 -37.47
CA GLU B 198 -3.65 21.57 -36.73
C GLU B 198 -4.21 22.53 -35.67
N SER B 199 -5.46 22.95 -35.84
CA SER B 199 -6.14 23.73 -34.80
C SER B 199 -6.57 22.84 -33.62
N SER B 200 -6.83 21.57 -33.91
CA SER B 200 -7.13 20.58 -32.86
C SER B 200 -5.93 20.30 -31.96
N MET B 201 -4.81 19.96 -32.61
CA MET B 201 -3.53 19.68 -31.97
C MET B 201 -3.11 20.90 -31.17
N PHE B 202 -3.14 22.07 -31.82
CA PHE B 202 -2.79 23.34 -31.18
C PHE B 202 -3.54 23.59 -29.88
N ASN B 203 -4.86 23.47 -29.92
CA ASN B 203 -5.69 23.71 -28.76
C ASN B 203 -5.39 22.79 -27.54
N LEU B 204 -5.15 21.51 -27.80
CA LEU B 204 -4.74 20.56 -26.79
C LEU B 204 -3.41 21.01 -26.14
N LEU B 205 -2.40 21.25 -26.98
CA LEU B 205 -1.05 21.64 -26.52
C LEU B 205 -0.95 23.00 -25.83
N GLU B 206 -1.68 23.97 -26.36
CA GLU B 206 -1.71 25.31 -25.79
C GLU B 206 -2.41 25.32 -24.44
N MET B 207 -3.47 24.53 -24.29
CA MET B 207 -4.21 24.45 -23.02
C MET B 207 -3.62 23.43 -21.99
N ASP B 208 -2.33 23.14 -22.18
CA ASP B 208 -1.39 22.44 -21.29
C ASP B 208 -1.64 22.47 -19.76
N ILE B 209 -1.92 23.67 -19.27
CA ILE B 209 -2.08 23.94 -17.86
C ILE B 209 -3.25 23.19 -17.22
N GLU B 210 -4.13 22.64 -18.07
CA GLU B 210 -5.21 21.80 -17.58
C GLU B 210 -4.68 20.45 -17.12
N GLN B 211 -3.73 19.90 -17.88
CA GLN B 211 -3.01 18.69 -17.48
C GLN B 211 -2.20 18.91 -16.19
N VAL B 212 -1.60 20.10 -16.04
CA VAL B 212 -0.87 20.46 -14.81
C VAL B 212 -1.87 20.50 -13.66
N SER B 213 -3.04 21.07 -13.98
CA SER B 213 -4.17 21.16 -13.06
C SER B 213 -4.68 19.78 -12.63
N GLN B 214 -4.66 18.82 -13.54
CA GLN B 214 -4.97 17.42 -13.22
C GLN B 214 -3.88 16.74 -12.34
N LEU B 215 -2.59 17.01 -12.60
CA LEU B 215 -1.52 16.51 -11.74
C LEU B 215 -1.66 17.08 -10.34
N SER B 216 -2.09 18.32 -10.29
CA SER B 216 -2.27 19.04 -9.05
C SER B 216 -3.32 18.38 -8.16
N ALA B 217 -4.32 17.74 -8.78
CA ALA B 217 -5.42 17.15 -8.06
C ALA B 217 -5.00 15.80 -7.51
N LEU B 218 -4.07 15.13 -8.19
CA LEU B 218 -3.50 13.90 -7.68
C LEU B 218 -2.69 14.19 -6.39
N VAL B 219 -1.90 15.25 -6.43
CA VAL B 219 -1.07 15.65 -5.31
C VAL B 219 -1.92 16.07 -4.09
N GLN B 220 -2.91 16.92 -4.32
CA GLN B 220 -3.83 17.38 -3.30
C GLN B 220 -4.54 16.23 -2.59
N ALA B 221 -5.02 15.28 -3.37
CA ALA B 221 -5.61 14.06 -2.80
C ALA B 221 -4.60 13.26 -1.92
N GLN B 222 -3.37 13.10 -2.42
CA GLN B 222 -2.29 12.43 -1.68
C GLN B 222 -1.93 13.15 -0.40
N LEU B 223 -1.78 14.47 -0.48
CA LEU B 223 -1.44 15.30 0.67
C LEU B 223 -2.51 15.29 1.76
N GLU B 224 -3.77 15.45 1.37
CA GLU B 224 -4.88 15.35 2.32
C GLU B 224 -4.86 13.99 3.03
N TYR B 225 -4.70 12.93 2.26
CA TYR B 225 -4.61 11.59 2.81
C TYR B 225 -3.46 11.44 3.85
N HIS B 226 -2.26 11.88 3.50
CA HIS B 226 -1.12 11.73 4.37
C HIS B 226 -1.23 12.57 5.61
N LYS B 227 -1.80 13.77 5.49
CA LYS B 227 -2.07 14.66 6.65
C LYS B 227 -3.03 14.02 7.69
N GLN B 228 -4.10 13.39 7.19
CA GLN B 228 -5.07 12.71 8.03
C GLN B 228 -4.47 11.45 8.68
N ALA B 229 -3.60 10.76 7.95
CA ALA B 229 -2.82 9.60 8.43
C ALA B 229 -1.85 9.98 9.55
N VAL B 230 -1.11 11.08 9.37
CA VAL B 230 -0.33 11.68 10.45
C VAL B 230 -1.15 11.89 11.74
N GLN B 231 -2.29 12.58 11.65
CA GLN B 231 -3.06 12.87 12.86
C GLN B 231 -3.64 11.60 13.51
N ILE B 232 -4.09 10.65 12.71
CA ILE B 232 -4.56 9.35 13.23
C ILE B 232 -3.44 8.69 14.03
N LEU B 233 -2.26 8.64 13.42
CA LEU B 233 -1.13 7.94 13.98
C LEU B 233 -0.54 8.62 15.23
N GLN B 234 -0.68 9.95 15.29
CA GLN B 234 -0.24 10.77 16.41
C GLN B 234 -1.12 10.48 17.63
N GLN B 235 -2.42 10.33 17.41
CA GLN B 235 -3.33 10.05 18.51
C GLN B 235 -3.09 8.69 19.14
N VAL B 236 -2.74 7.69 18.33
CA VAL B 236 -2.53 6.34 18.82
C VAL B 236 -1.12 6.19 19.39
N THR B 237 -0.20 7.03 18.93
CA THR B 237 1.17 7.10 19.49
C THR B 237 1.10 7.54 20.96
N VAL B 238 0.23 8.49 21.26
CA VAL B 238 0.00 8.95 22.64
C VAL B 238 -0.60 7.85 23.53
N ARG B 239 -1.57 7.10 23.00
CA ARG B 239 -2.18 6.01 23.74
C ARG B 239 -1.16 4.91 24.07
N LEU B 240 -0.24 4.64 23.15
CA LEU B 240 0.74 3.57 23.36
C LEU B 240 1.89 3.99 24.27
N GLU B 241 2.20 5.28 24.30
CA GLU B 241 3.25 5.78 25.16
C GLU B 241 2.80 5.83 26.63
N GLU B 242 1.55 6.21 26.87
CA GLU B 242 0.99 6.19 28.23
C GLU B 242 0.97 4.77 28.82
N ARG B 243 0.66 3.79 27.95
CA ARG B 243 0.64 2.38 28.32
C ARG B 243 2.04 1.90 28.68
N ILE B 244 3.02 2.26 27.85
CA ILE B 244 4.40 1.87 28.06
C ILE B 244 4.97 2.60 29.28
N ARG B 245 4.41 3.78 29.56
CA ARG B 245 4.83 4.63 30.68
C ARG B 245 4.43 4.04 32.04
N GLN B 246 3.23 3.47 32.14
CA GLN B 246 2.86 2.71 33.34
C GLN B 246 3.81 1.54 33.63
N ALA B 247 3.94 0.61 32.70
CA ALA B 247 4.90 -0.46 32.81
C ALA B 247 6.31 0.11 32.93
CD CD C . 2.73 27.03 -24.42
CD CD D . 15.71 11.93 -2.67
CD CD E . 4.09 23.47 -26.17
CD CD F . 3.10 -21.55 14.33
CD CD G . 13.00 -25.62 28.03
CD CD H . 1.15 -24.80 39.29
CD CD I . -13.66 6.87 11.60
CD CD J . -2.14 -10.92 31.92
CD CD K . 0.19 -9.50 33.23
CD CD L . -4.93 4.99 -26.97
CD CD M . -13.98 17.46 -35.38
#